data_5WA1
#
_entry.id   5WA1
#
_cell.length_a   120.979
_cell.length_b   61.450
_cell.length_c   76.187
_cell.angle_alpha   90.00
_cell.angle_beta   121.70
_cell.angle_gamma   90.00
#
_symmetry.space_group_name_H-M   'C 1 2 1'
#
loop_
_entity.id
_entity.type
_entity.pdbx_description
1 polymer 'Programmed cell death 6-interacting protein'
2 polymer 'Charged multivesicular body protein 4c'
3 water water
#
loop_
_entity_poly.entity_id
_entity_poly.type
_entity_poly.pdbx_seq_one_letter_code
_entity_poly.pdbx_strand_id
1 'polypeptide(L)'
;MHHHHHHHHHHSGQNLYFQGHMATFISVQLKKTSEVDLAKPLVKFIQQTYPSGGEEQAQYCRAAEELSKLRRAAVGRPLD
KHEGALETLLRYYDQICSIEPKFPFSENQICLTFTWKDAFDKGSLFGGSVKLALASLGYEKSCVLFNCAALASQIAAEQN
LDNDEGLKIAAKHYQFASGAFLHIKETVLSALSREPTVDISPDTVGTLSLIMLAQAQEVFFLKATRDKMKDAIIAKLANQ
AADYFGDAFKQCQYKDTLPKEVFPVLAAKHCIMQANAEYHQSILAKQQKKFGEEIARLQHAAELIKTVASRYDEYVNVKD
FSDKINRALAAAKKDNDFIYHDRVPDLKDLDPIGKATLVKSTPVNVPISQKFTDLFEKM
;
A
2 'polypeptide(L)' QRAEEEDDDIKQLAAWTT B
#
# COMPACT_ATOMS: atom_id res chain seq x y z
N MET A 22 2.01 14.74 -8.05
CA MET A 22 1.77 15.82 -7.09
C MET A 22 2.37 15.47 -5.72
N ALA A 23 2.90 14.25 -5.60
CA ALA A 23 3.62 13.79 -4.40
C ALA A 23 2.73 13.78 -3.17
N THR A 24 1.47 13.38 -3.35
CA THR A 24 0.48 13.33 -2.26
C THR A 24 0.06 11.91 -1.95
N PHE A 25 1.03 11.03 -1.70
CA PHE A 25 0.78 9.61 -1.49
C PHE A 25 0.70 9.28 0.00
N ILE A 26 -0.15 8.33 0.32
CA ILE A 26 -0.37 7.90 1.69
C ILE A 26 0.62 6.81 2.03
N SER A 27 1.27 6.92 3.19
CA SER A 27 2.09 5.85 3.74
C SER A 27 1.69 5.66 5.20
N VAL A 28 2.18 4.56 5.79
CA VAL A 28 1.75 4.11 7.10
C VAL A 28 2.94 4.14 8.04
N GLN A 29 2.74 4.67 9.25
CA GLN A 29 3.79 4.64 10.26
C GLN A 29 3.97 3.23 10.81
N LEU A 30 5.21 2.91 11.18
CA LEU A 30 5.52 1.59 11.72
C LEU A 30 5.07 1.50 13.18
N LYS A 31 4.72 0.28 13.60
CA LYS A 31 4.40 0.03 15.00
C LYS A 31 5.67 -0.06 15.82
N LYS A 32 5.61 0.44 17.05
CA LYS A 32 6.73 0.36 17.98
C LYS A 32 6.56 -0.86 18.87
N THR A 33 7.68 -1.41 19.32
CA THR A 33 7.63 -2.56 20.21
C THR A 33 8.73 -2.42 21.25
N SER A 34 8.53 -3.07 22.39
CA SER A 34 9.53 -3.06 23.43
C SER A 34 10.57 -4.14 23.16
N GLU A 35 11.79 -3.89 23.65
CA GLU A 35 12.87 -4.86 23.45
C GLU A 35 12.59 -6.15 24.22
N VAL A 36 12.81 -7.29 23.56
CA VAL A 36 12.56 -8.60 24.15
C VAL A 36 13.80 -9.46 23.97
N ASP A 37 14.16 -10.19 25.03
CA ASP A 37 15.29 -11.13 24.99
C ASP A 37 14.77 -12.46 24.41
N LEU A 38 14.89 -12.60 23.09
CA LEU A 38 14.45 -13.84 22.45
C LEU A 38 15.34 -15.01 22.82
N ALA A 39 16.61 -14.76 23.15
CA ALA A 39 17.57 -15.84 23.30
C ALA A 39 17.23 -16.72 24.49
N LYS A 40 17.13 -16.13 25.69
CA LYS A 40 17.00 -16.90 26.93
C LYS A 40 15.88 -17.93 26.92
N PRO A 41 14.63 -17.61 26.55
CA PRO A 41 13.59 -18.64 26.58
C PRO A 41 13.77 -19.73 25.53
N LEU A 42 14.56 -19.49 24.49
CA LEU A 42 14.71 -20.41 23.38
C LEU A 42 15.78 -21.47 23.65
N VAL A 43 16.99 -21.02 24.00
CA VAL A 43 18.07 -21.95 24.27
C VAL A 43 17.78 -22.76 25.53
N LYS A 44 17.06 -22.15 26.49
CA LYS A 44 16.62 -22.91 27.66
C LYS A 44 15.79 -24.12 27.26
N PHE A 45 15.03 -24.02 26.17
CA PHE A 45 14.39 -25.22 25.62
C PHE A 45 15.41 -26.09 24.89
N ILE A 46 16.38 -25.48 24.21
CA ILE A 46 17.38 -26.25 23.48
C ILE A 46 18.26 -27.03 24.45
N GLN A 47 18.67 -26.41 25.55
CA GLN A 47 19.42 -27.13 26.58
C GLN A 47 18.59 -28.24 27.20
N GLN A 48 17.26 -28.10 27.17
CA GLN A 48 16.38 -29.14 27.69
C GLN A 48 16.31 -30.33 26.74
N THR A 49 15.91 -30.09 25.48
CA THR A 49 15.71 -31.18 24.54
C THR A 49 17.03 -31.79 24.06
N TYR A 50 18.14 -31.04 24.15
CA TYR A 50 19.45 -31.52 23.70
C TYR A 50 20.41 -31.45 24.89
N PRO A 51 20.41 -32.49 25.75
CA PRO A 51 21.38 -32.50 26.86
C PRO A 51 22.83 -32.59 26.42
N SER A 52 23.07 -32.75 25.12
CA SER A 52 24.42 -32.76 24.57
C SER A 52 25.19 -31.50 24.93
N GLY A 53 26.19 -31.64 25.81
CA GLY A 53 27.04 -30.51 26.16
C GLY A 53 28.08 -30.23 25.10
N GLY A 54 27.71 -30.40 23.83
CA GLY A 54 28.63 -30.23 22.73
C GLY A 54 28.28 -29.08 21.80
N GLU A 55 28.15 -29.37 20.51
CA GLU A 55 28.10 -28.32 19.50
C GLU A 55 26.75 -28.16 18.82
N GLU A 56 25.89 -29.19 18.80
CA GLU A 56 24.54 -29.01 18.26
C GLU A 56 23.73 -28.09 19.16
N GLN A 57 23.74 -28.36 20.47
CA GLN A 57 23.16 -27.43 21.43
C GLN A 57 23.84 -26.07 21.35
N ALA A 58 25.16 -26.05 21.13
CA ALA A 58 25.87 -24.78 21.09
C ALA A 58 25.62 -24.02 19.80
N GLN A 59 25.27 -24.72 18.71
CA GLN A 59 24.96 -24.03 17.47
C GLN A 59 23.52 -23.56 17.41
N TYR A 60 22.62 -24.25 18.08
CA TYR A 60 21.30 -23.74 18.14
C TYR A 60 21.44 -22.51 19.03
N CYS A 61 21.97 -22.68 20.23
CA CYS A 61 22.11 -21.53 21.11
C CYS A 61 22.73 -20.34 20.39
N ARG A 62 23.64 -20.60 19.44
CA ARG A 62 24.20 -19.53 18.64
C ARG A 62 23.14 -18.92 17.73
N ALA A 63 22.37 -19.77 17.03
CA ALA A 63 21.31 -19.28 16.16
C ALA A 63 20.23 -18.55 16.95
N ALA A 64 19.96 -18.98 18.19
CA ALA A 64 19.01 -18.24 19.02
C ALA A 64 19.56 -16.86 19.37
N GLU A 65 20.86 -16.77 19.63
CA GLU A 65 21.49 -15.48 19.87
C GLU A 65 21.42 -14.59 18.63
N GLU A 66 21.56 -15.19 17.44
CA GLU A 66 21.46 -14.41 16.22
C GLU A 66 20.03 -13.98 15.94
N LEU A 67 19.04 -14.75 16.40
CA LEU A 67 17.65 -14.38 16.16
C LEU A 67 17.25 -13.19 17.03
N SER A 68 17.68 -13.20 18.30
CA SER A 68 17.41 -12.05 19.17
C SER A 68 18.07 -10.81 18.62
N LYS A 69 19.31 -10.93 18.14
CA LYS A 69 19.98 -9.82 17.49
C LYS A 69 19.20 -9.35 16.27
N LEU A 70 18.69 -10.28 15.47
CA LEU A 70 17.92 -9.93 14.28
C LEU A 70 16.64 -9.17 14.65
N ARG A 71 15.99 -9.54 15.75
CA ARG A 71 14.79 -8.82 16.17
C ARG A 71 15.12 -7.37 16.50
N ARG A 72 16.21 -7.16 17.26
CA ARG A 72 16.60 -5.80 17.60
C ARG A 72 16.87 -4.97 16.35
N ALA A 73 17.50 -5.56 15.33
CA ALA A 73 17.76 -4.83 14.10
C ALA A 73 16.50 -4.60 13.28
N ALA A 74 15.52 -5.50 13.35
CA ALA A 74 14.31 -5.37 12.53
C ALA A 74 13.28 -4.44 13.14
N VAL A 75 13.13 -4.43 14.46
CA VAL A 75 12.03 -3.70 15.08
C VAL A 75 12.48 -2.81 16.23
N GLY A 76 13.78 -2.72 16.51
CA GLY A 76 14.25 -1.90 17.61
C GLY A 76 14.72 -0.51 17.20
N ARG A 77 15.13 -0.34 15.94
CA ARG A 77 15.65 0.93 15.45
C ARG A 77 14.70 1.53 14.44
N PRO A 78 13.91 2.57 14.80
CA PRO A 78 13.05 3.25 13.80
C PRO A 78 13.85 4.20 12.91
N LEU A 79 14.49 3.63 11.88
CA LEU A 79 15.33 4.41 10.99
C LEU A 79 15.40 3.69 9.64
N ASP A 80 16.00 4.38 8.67
CA ASP A 80 16.36 3.82 7.37
C ASP A 80 15.29 3.36 6.37
N LYS A 81 14.66 4.30 5.67
CA LYS A 81 13.77 3.98 4.56
C LYS A 81 14.40 3.48 3.27
N HIS A 82 15.32 2.51 3.38
CA HIS A 82 15.96 1.91 2.21
C HIS A 82 15.75 0.40 2.27
N GLU A 83 16.20 -0.27 1.21
CA GLU A 83 15.91 -1.69 1.03
C GLU A 83 16.56 -2.54 2.11
N GLY A 84 17.74 -2.13 2.60
CA GLY A 84 18.40 -2.90 3.65
C GLY A 84 17.56 -3.03 4.90
N ALA A 85 16.93 -1.94 5.33
CA ALA A 85 16.04 -2.01 6.48
C ALA A 85 14.81 -2.86 6.17
N LEU A 86 14.26 -2.75 4.95
CA LEU A 86 13.11 -3.58 4.59
C LEU A 86 13.50 -5.05 4.52
N GLU A 87 14.63 -5.34 3.87
CA GLU A 87 15.09 -6.74 3.80
C GLU A 87 15.34 -7.31 5.20
N THR A 88 15.82 -6.49 6.13
CA THR A 88 15.98 -6.97 7.51
C THR A 88 14.64 -7.30 8.13
N LEU A 89 13.64 -6.44 7.95
CA LEU A 89 12.29 -6.75 8.39
C LEU A 89 11.77 -8.00 7.71
N LEU A 90 11.91 -8.07 6.38
CA LEU A 90 11.44 -9.24 5.64
C LEU A 90 12.13 -10.51 6.13
N ARG A 91 13.45 -10.43 6.34
CA ARG A 91 14.18 -11.58 6.84
C ARG A 91 13.67 -12.02 8.20
N TYR A 92 13.39 -11.05 9.09
CA TYR A 92 12.92 -11.42 10.42
C TYR A 92 11.53 -12.03 10.37
N TYR A 93 10.68 -11.58 9.44
CA TYR A 93 9.38 -12.24 9.26
C TYR A 93 9.55 -13.67 8.77
N ASP A 94 10.44 -13.89 7.80
CA ASP A 94 10.69 -15.25 7.34
C ASP A 94 11.19 -16.14 8.47
N GLN A 95 12.06 -15.61 9.33
CA GLN A 95 12.65 -16.44 10.36
C GLN A 95 11.61 -16.87 11.38
N ILE A 96 10.73 -15.96 11.79
CA ILE A 96 9.71 -16.28 12.78
C ILE A 96 8.72 -17.31 12.22
N CYS A 97 8.29 -17.14 10.98
CA CYS A 97 7.40 -18.13 10.38
C CYS A 97 8.04 -19.51 10.36
N SER A 98 9.35 -19.57 10.06
CA SER A 98 10.07 -20.84 9.97
C SER A 98 10.35 -21.48 11.32
N ILE A 99 9.94 -20.85 12.42
CA ILE A 99 10.28 -21.32 13.75
C ILE A 99 9.06 -21.84 14.51
N GLU A 100 7.86 -21.32 14.22
CA GLU A 100 6.64 -21.80 14.85
C GLU A 100 6.53 -23.33 14.88
N PRO A 101 6.82 -24.07 13.81
CA PRO A 101 6.78 -25.54 13.92
C PRO A 101 7.92 -26.12 14.74
N LYS A 102 9.12 -25.52 14.66
CA LYS A 102 10.29 -26.13 15.27
C LYS A 102 10.24 -26.08 16.80
N PHE A 103 9.54 -25.10 17.38
CA PHE A 103 9.54 -24.97 18.82
C PHE A 103 8.13 -25.07 19.38
N PRO A 104 7.94 -25.73 20.52
CA PRO A 104 6.59 -25.85 21.10
C PRO A 104 6.03 -24.52 21.57
N PHE A 105 5.70 -23.64 20.62
CA PHE A 105 5.10 -22.35 20.95
C PHE A 105 3.59 -22.40 21.04
N SER A 106 2.94 -23.40 20.43
CA SER A 106 1.50 -23.54 20.56
C SER A 106 1.09 -23.67 22.01
N GLU A 107 1.86 -24.42 22.78
CA GLU A 107 1.71 -24.46 24.23
C GLU A 107 2.53 -23.33 24.85
N ASN A 108 2.06 -22.84 25.99
CA ASN A 108 2.76 -21.74 26.67
C ASN A 108 3.72 -22.30 27.73
N GLN A 109 4.62 -23.16 27.26
CA GLN A 109 5.77 -23.58 28.05
C GLN A 109 7.02 -22.77 27.73
N ILE A 110 7.05 -22.09 26.59
CA ILE A 110 8.05 -21.07 26.28
C ILE A 110 7.41 -19.72 26.59
N CYS A 111 7.86 -19.07 27.66
CA CYS A 111 7.30 -17.79 28.07
C CYS A 111 7.98 -16.67 27.27
N LEU A 112 7.24 -16.11 26.33
CA LEU A 112 7.71 -15.01 25.50
C LEU A 112 6.56 -14.06 25.30
N THR A 113 6.70 -12.81 25.74
CA THR A 113 5.63 -11.82 25.64
C THR A 113 6.09 -10.66 24.77
N PHE A 114 5.38 -10.45 23.67
CA PHE A 114 5.65 -9.34 22.77
C PHE A 114 4.67 -8.23 23.05
N THR A 115 5.19 -7.01 23.24
CA THR A 115 4.38 -5.84 23.52
C THR A 115 4.52 -4.88 22.34
N TRP A 116 3.38 -4.51 21.75
CA TRP A 116 3.35 -3.64 20.58
C TRP A 116 2.36 -2.51 20.82
N LYS A 117 2.69 -1.37 20.29
CA LYS A 117 1.88 -0.20 20.42
C LYS A 117 1.06 0.02 19.14
N ASP A 118 -0.10 0.64 19.27
CA ASP A 118 -0.94 0.91 18.11
C ASP A 118 -0.24 1.87 17.16
N ALA A 119 -0.32 1.56 15.86
CA ALA A 119 0.32 2.43 14.86
C ALA A 119 -0.39 3.78 14.76
N PHE A 120 -1.69 3.83 15.08
CA PHE A 120 -2.50 5.01 14.80
C PHE A 120 -3.04 5.67 16.07
N ASP A 121 -3.61 4.90 16.98
CA ASP A 121 -4.24 5.42 18.19
C ASP A 121 -3.16 5.84 19.17
N LYS A 122 -2.89 7.15 19.25
CA LYS A 122 -1.86 7.62 20.16
C LYS A 122 -2.31 7.62 21.61
N GLY A 123 -3.61 7.57 21.86
CA GLY A 123 -4.12 7.47 23.21
C GLY A 123 -4.29 8.83 23.87
N SER A 124 -5.27 8.90 24.76
CA SER A 124 -5.50 10.09 25.55
C SER A 124 -4.47 10.18 26.67
N LEU A 125 -4.19 11.41 27.12
CA LEU A 125 -3.22 11.65 28.17
C LEU A 125 -3.75 11.29 29.56
N PHE A 126 -4.88 10.58 29.63
CA PHE A 126 -5.45 10.13 30.89
C PHE A 126 -5.37 8.62 31.06
N GLY A 127 -4.79 7.90 30.10
CA GLY A 127 -4.70 6.46 30.19
C GLY A 127 -3.51 5.88 29.47
N GLY A 128 -2.46 6.69 29.27
CA GLY A 128 -1.27 6.24 28.59
C GLY A 128 -1.53 5.91 27.13
N SER A 129 -0.53 5.29 26.52
CA SER A 129 -0.61 4.89 25.13
C SER A 129 -1.47 3.63 24.98
N VAL A 130 -1.77 3.28 23.74
CA VAL A 130 -2.56 2.09 23.41
C VAL A 130 -1.57 0.99 23.06
N LYS A 131 -1.36 0.09 24.02
CA LYS A 131 -0.42 -1.02 23.89
C LYS A 131 -1.17 -2.34 24.04
N LEU A 132 -0.57 -3.41 23.52
CA LEU A 132 -1.08 -4.77 23.73
C LEU A 132 0.10 -5.73 23.86
N ALA A 133 0.06 -6.55 24.90
CA ALA A 133 1.10 -7.54 25.14
C ALA A 133 0.49 -8.93 25.10
N LEU A 134 1.06 -9.82 24.29
CA LEU A 134 0.56 -11.18 24.15
C LEU A 134 1.72 -12.16 24.05
N ALA A 135 1.56 -13.32 24.69
CA ALA A 135 2.51 -14.42 24.56
C ALA A 135 2.11 -15.28 23.36
N SER A 136 2.36 -14.73 22.17
CA SER A 136 1.92 -15.38 20.94
C SER A 136 2.87 -15.06 19.79
N LEU A 137 3.36 -16.11 19.12
CA LEU A 137 4.13 -15.91 17.90
C LEU A 137 3.28 -15.33 16.79
N GLY A 138 2.01 -15.76 16.72
CA GLY A 138 1.11 -15.21 15.71
C GLY A 138 0.94 -13.71 15.83
N TYR A 139 0.91 -13.20 17.06
CA TYR A 139 0.85 -11.77 17.28
C TYR A 139 2.11 -11.09 16.76
N GLU A 140 3.28 -11.66 17.08
CA GLU A 140 4.54 -11.08 16.64
C GLU A 140 4.61 -11.07 15.10
N LYS A 141 4.31 -12.22 14.48
CA LYS A 141 4.24 -12.29 13.02
C LYS A 141 3.37 -11.18 12.43
N SER A 142 2.17 -11.00 13.01
CA SER A 142 1.23 -10.05 12.43
C SER A 142 1.75 -8.62 12.52
N CYS A 143 2.35 -8.25 13.65
CA CYS A 143 2.85 -6.90 13.81
C CYS A 143 4.12 -6.68 12.97
N VAL A 144 4.96 -7.70 12.88
CA VAL A 144 6.14 -7.58 12.02
C VAL A 144 5.72 -7.44 10.56
N LEU A 145 4.73 -8.23 10.12
CA LEU A 145 4.29 -8.09 8.74
C LEU A 145 3.64 -6.73 8.50
N PHE A 146 2.98 -6.17 9.52
CA PHE A 146 2.46 -4.81 9.41
C PHE A 146 3.58 -3.82 9.12
N ASN A 147 4.70 -3.94 9.83
CA ASN A 147 5.79 -3.01 9.63
C ASN A 147 6.49 -3.22 8.29
N CYS A 148 6.54 -4.47 7.79
CA CYS A 148 7.03 -4.69 6.43
C CYS A 148 6.19 -3.90 5.45
N ALA A 149 4.87 -4.04 5.54
CA ALA A 149 3.96 -3.33 4.64
C ALA A 149 4.10 -1.81 4.83
N ALA A 150 4.14 -1.35 6.08
CA ALA A 150 4.24 0.08 6.35
C ALA A 150 5.55 0.65 5.81
N LEU A 151 6.68 -0.01 6.10
CA LEU A 151 7.94 0.49 5.59
C LEU A 151 7.97 0.45 4.06
N ALA A 152 7.39 -0.60 3.46
CA ALA A 152 7.29 -0.64 2.00
C ALA A 152 6.47 0.52 1.46
N SER A 153 5.37 0.88 2.16
CA SER A 153 4.58 2.02 1.72
C SER A 153 5.36 3.31 1.83
N GLN A 154 6.23 3.42 2.84
CA GLN A 154 7.03 4.63 2.99
C GLN A 154 8.10 4.72 1.91
N ILE A 155 8.74 3.60 1.59
CA ILE A 155 9.73 3.57 0.52
C ILE A 155 9.08 3.92 -0.81
N ALA A 156 7.89 3.36 -1.07
CA ALA A 156 7.19 3.65 -2.32
C ALA A 156 6.83 5.12 -2.42
N ALA A 157 6.33 5.70 -1.33
CA ALA A 157 5.93 7.10 -1.32
C ALA A 157 7.10 8.04 -1.50
N GLU A 158 8.33 7.58 -1.26
CA GLU A 158 9.51 8.42 -1.40
C GLU A 158 10.11 8.39 -2.80
N GLN A 159 9.56 7.59 -3.70
CA GLN A 159 10.21 7.41 -4.99
C GLN A 159 9.98 8.62 -5.89
N ASN A 160 11.00 8.92 -6.69
CA ASN A 160 10.89 9.96 -7.71
C ASN A 160 10.07 9.39 -8.86
N LEU A 161 8.86 9.88 -9.03
CA LEU A 161 8.00 9.33 -10.06
C LEU A 161 8.26 9.95 -11.43
N ASP A 162 9.20 10.89 -11.52
CA ASP A 162 9.69 11.39 -12.79
C ASP A 162 10.79 10.50 -13.36
N ASN A 163 11.00 9.35 -12.76
CA ASN A 163 12.03 8.40 -13.17
C ASN A 163 11.43 7.01 -13.25
N ASP A 164 11.78 6.27 -14.30
CA ASP A 164 11.12 5.00 -14.57
C ASP A 164 11.43 3.98 -13.48
N GLU A 165 12.67 3.97 -12.99
CA GLU A 165 13.04 3.04 -11.94
C GLU A 165 12.33 3.38 -10.64
N GLY A 166 12.20 4.66 -10.32
CA GLY A 166 11.40 5.07 -9.17
C GLY A 166 9.95 4.65 -9.28
N LEU A 167 9.37 4.80 -10.48
CA LEU A 167 8.00 4.33 -10.70
C LEU A 167 7.88 2.82 -10.48
N LYS A 168 8.85 2.06 -10.99
CA LYS A 168 8.81 0.61 -10.84
C LYS A 168 8.98 0.19 -9.39
N ILE A 169 9.86 0.85 -8.65
CA ILE A 169 10.00 0.57 -7.22
C ILE A 169 8.68 0.82 -6.50
N ALA A 170 8.04 1.97 -6.77
CA ALA A 170 6.79 2.30 -6.11
C ALA A 170 5.70 1.30 -6.47
N ALA A 171 5.61 0.92 -7.74
CA ALA A 171 4.57 -0.03 -8.15
C ALA A 171 4.75 -1.36 -7.44
N LYS A 172 6.00 -1.84 -7.35
CA LYS A 172 6.28 -3.11 -6.69
C LYS A 172 5.99 -3.03 -5.19
N HIS A 173 6.40 -1.93 -4.55
CA HIS A 173 6.25 -1.84 -3.09
C HIS A 173 4.80 -1.61 -2.67
N TYR A 174 4.02 -0.84 -3.44
CA TYR A 174 2.60 -0.67 -3.13
C TYR A 174 1.84 -1.99 -3.27
N GLN A 175 2.17 -2.78 -4.27
CA GLN A 175 1.50 -4.08 -4.41
C GLN A 175 1.92 -5.04 -3.31
N PHE A 176 3.18 -4.99 -2.89
CA PHE A 176 3.61 -5.78 -1.74
C PHE A 176 2.86 -5.35 -0.49
N ALA A 177 2.84 -4.03 -0.20
CA ALA A 177 2.14 -3.56 0.98
C ALA A 177 0.67 -3.94 0.95
N SER A 178 0.03 -3.83 -0.23
CA SER A 178 -1.36 -4.21 -0.38
C SER A 178 -1.56 -5.68 -0.02
N GLY A 179 -0.69 -6.55 -0.53
CA GLY A 179 -0.83 -7.98 -0.25
C GLY A 179 -0.51 -8.33 1.19
N ALA A 180 0.42 -7.59 1.81
CA ALA A 180 0.77 -7.89 3.19
C ALA A 180 -0.30 -7.42 4.16
N PHE A 181 -0.87 -6.23 3.95
CA PHE A 181 -2.01 -5.81 4.76
C PHE A 181 -3.17 -6.78 4.59
N LEU A 182 -3.37 -7.27 3.35
CA LEU A 182 -4.46 -8.20 3.10
C LEU A 182 -4.21 -9.55 3.77
N HIS A 183 -2.95 -9.99 3.78
CA HIS A 183 -2.64 -11.23 4.51
C HIS A 183 -2.92 -11.07 6.00
N ILE A 184 -2.62 -9.91 6.57
CA ILE A 184 -2.95 -9.68 7.98
C ILE A 184 -4.45 -9.73 8.18
N LYS A 185 -5.22 -9.12 7.27
CA LYS A 185 -6.67 -9.13 7.39
C LYS A 185 -7.21 -10.55 7.50
N GLU A 186 -6.67 -11.48 6.70
CA GLU A 186 -7.22 -12.82 6.62
C GLU A 186 -6.73 -13.75 7.71
N THR A 187 -5.70 -13.37 8.48
CA THR A 187 -5.08 -14.30 9.41
C THR A 187 -4.98 -13.78 10.84
N VAL A 188 -5.17 -12.49 11.08
CA VAL A 188 -4.87 -11.92 12.39
C VAL A 188 -5.78 -12.50 13.48
N LEU A 189 -7.03 -12.82 13.14
CA LEU A 189 -7.98 -13.23 14.18
C LEU A 189 -7.66 -14.63 14.70
N SER A 190 -7.42 -15.59 13.81
CA SER A 190 -7.08 -16.94 14.26
C SER A 190 -5.71 -16.98 14.90
N ALA A 191 -4.82 -16.07 14.51
CA ALA A 191 -3.47 -16.05 15.08
C ALA A 191 -3.48 -15.54 16.52
N LEU A 192 -4.37 -14.63 16.85
CA LEU A 192 -4.41 -14.02 18.18
C LEU A 192 -5.45 -14.70 19.06
N SER A 193 -5.09 -14.92 20.32
CA SER A 193 -6.05 -15.44 21.29
C SER A 193 -7.10 -14.39 21.61
N ARG A 194 -6.68 -13.15 21.83
CA ARG A 194 -7.58 -12.06 22.20
C ARG A 194 -7.83 -11.16 21.00
N GLU A 195 -8.58 -10.09 21.21
CA GLU A 195 -8.90 -9.19 20.11
C GLU A 195 -7.76 -8.19 19.90
N PRO A 196 -7.42 -7.90 18.66
CA PRO A 196 -6.23 -7.08 18.38
C PRO A 196 -6.47 -5.60 18.65
N THR A 197 -5.39 -4.84 18.67
CA THR A 197 -5.52 -3.39 18.57
C THR A 197 -6.18 -3.04 17.25
N VAL A 198 -6.73 -1.83 17.18
CA VAL A 198 -7.50 -1.44 16.00
C VAL A 198 -6.61 -1.37 14.77
N ASP A 199 -5.32 -1.05 14.93
CA ASP A 199 -4.47 -0.84 13.77
C ASP A 199 -4.29 -2.10 12.94
N ILE A 200 -4.20 -3.27 13.59
CA ILE A 200 -4.02 -4.54 12.86
C ILE A 200 -5.34 -5.29 12.73
N SER A 201 -6.46 -4.70 13.15
CA SER A 201 -7.74 -5.38 13.04
C SER A 201 -8.15 -5.48 11.58
N PRO A 202 -8.90 -6.53 11.22
CA PRO A 202 -9.21 -6.79 9.79
C PRO A 202 -9.80 -5.61 9.05
N ASP A 203 -10.66 -4.82 9.70
CA ASP A 203 -11.26 -3.67 9.01
C ASP A 203 -10.20 -2.63 8.64
N THR A 204 -9.28 -2.36 9.55
CA THR A 204 -8.25 -1.35 9.28
C THR A 204 -7.29 -1.81 8.20
N VAL A 205 -6.77 -3.05 8.31
CA VAL A 205 -5.76 -3.49 7.33
C VAL A 205 -6.40 -3.82 6.00
N GLY A 206 -7.67 -4.19 5.98
CA GLY A 206 -8.38 -4.29 4.71
C GLY A 206 -8.44 -2.97 3.98
N THR A 207 -8.70 -1.88 4.72
CA THR A 207 -8.73 -0.56 4.07
C THR A 207 -7.34 -0.13 3.62
N LEU A 208 -6.33 -0.34 4.47
CA LEU A 208 -4.97 -0.04 4.06
C LEU A 208 -4.58 -0.85 2.82
N SER A 209 -5.01 -2.10 2.74
CA SER A 209 -4.69 -2.90 1.56
C SER A 209 -5.26 -2.26 0.31
N LEU A 210 -6.50 -1.79 0.37
CA LEU A 210 -7.10 -1.14 -0.79
C LEU A 210 -6.43 0.18 -1.12
N ILE A 211 -6.03 0.96 -0.10
CA ILE A 211 -5.34 2.22 -0.37
C ILE A 211 -4.04 1.96 -1.14
N MET A 212 -3.28 0.95 -0.71
CA MET A 212 -2.02 0.63 -1.39
C MET A 212 -2.26 0.11 -2.79
N LEU A 213 -3.33 -0.67 -2.97
CA LEU A 213 -3.66 -1.13 -4.31
C LEU A 213 -4.02 0.04 -5.22
N ALA A 214 -4.79 1.02 -4.71
CA ALA A 214 -5.12 2.21 -5.48
C ALA A 214 -3.86 2.97 -5.88
N GLN A 215 -2.90 3.08 -4.95
CA GLN A 215 -1.71 3.85 -5.25
C GLN A 215 -0.83 3.11 -6.25
N ALA A 216 -0.82 1.78 -6.20
CA ALA A 216 -0.13 1.01 -7.23
C ALA A 216 -0.74 1.27 -8.60
N GLN A 217 -2.07 1.26 -8.71
CA GLN A 217 -2.74 1.55 -9.98
C GLN A 217 -2.42 2.98 -10.43
N GLU A 218 -2.37 3.93 -9.50
CA GLU A 218 -2.02 5.29 -9.87
C GLU A 218 -0.63 5.37 -10.46
N VAL A 219 0.32 4.60 -9.91
CA VAL A 219 1.67 4.58 -10.44
C VAL A 219 1.68 4.07 -11.88
N PHE A 220 0.86 3.06 -12.18
CA PHE A 220 0.78 2.60 -13.56
C PHE A 220 0.19 3.65 -14.47
N PHE A 221 -0.74 4.47 -13.96
CA PHE A 221 -1.25 5.58 -14.74
C PHE A 221 -0.13 6.59 -15.01
N LEU A 222 0.66 6.90 -13.99
CA LEU A 222 1.78 7.83 -14.18
C LEU A 222 2.81 7.27 -15.15
N LYS A 223 3.05 5.96 -15.08
CA LYS A 223 3.95 5.31 -16.03
C LYS A 223 3.42 5.41 -17.46
N ALA A 224 2.12 5.15 -17.64
CA ALA A 224 1.55 5.24 -18.98
C ALA A 224 1.63 6.66 -19.52
N THR A 225 1.36 7.65 -18.67
CA THR A 225 1.43 9.05 -19.10
C THR A 225 2.85 9.42 -19.48
N ARG A 226 3.83 8.97 -18.69
CA ARG A 226 5.22 9.33 -18.93
C ARG A 226 5.73 8.72 -20.23
N ASP A 227 5.36 7.46 -20.50
CA ASP A 227 5.73 6.76 -21.72
C ASP A 227 4.89 7.18 -22.93
N LYS A 228 3.98 8.13 -22.76
CA LYS A 228 3.15 8.66 -23.85
C LYS A 228 2.34 7.55 -24.52
N MET A 229 1.65 6.75 -23.71
CA MET A 229 0.81 5.69 -24.24
C MET A 229 -0.47 6.26 -24.84
N LYS A 230 -1.24 5.40 -25.51
CA LYS A 230 -2.48 5.83 -26.15
C LYS A 230 -3.42 6.42 -25.11
N ASP A 231 -4.06 7.53 -25.46
CA ASP A 231 -4.96 8.17 -24.51
C ASP A 231 -6.12 7.27 -24.12
N ALA A 232 -6.56 6.40 -25.03
CA ALA A 232 -7.60 5.42 -24.68
C ALA A 232 -7.17 4.56 -23.49
N ILE A 233 -5.90 4.14 -23.49
CA ILE A 233 -5.42 3.28 -22.42
C ILE A 233 -5.24 4.06 -21.13
N ILE A 234 -4.68 5.27 -21.23
CA ILE A 234 -4.50 6.10 -20.05
C ILE A 234 -5.83 6.38 -19.37
N ALA A 235 -6.90 6.55 -20.16
CA ALA A 235 -8.20 6.82 -19.58
C ALA A 235 -8.72 5.61 -18.79
N LYS A 236 -8.54 4.41 -19.32
CA LYS A 236 -8.97 3.20 -18.61
C LYS A 236 -8.14 2.94 -17.37
N LEU A 237 -6.85 3.26 -17.37
CA LEU A 237 -6.04 3.12 -16.15
C LEU A 237 -6.48 4.12 -15.09
N ALA A 238 -6.72 5.37 -15.49
CA ALA A 238 -7.22 6.38 -14.56
C ALA A 238 -8.58 6.00 -14.01
N ASN A 239 -9.47 5.52 -14.89
CA ASN A 239 -10.81 5.18 -14.44
C ASN A 239 -10.77 4.07 -13.40
N GLN A 240 -9.90 3.08 -13.60
CA GLN A 240 -9.76 2.01 -12.63
C GLN A 240 -9.19 2.52 -11.32
N ALA A 241 -8.22 3.42 -11.37
CA ALA A 241 -7.70 4.01 -10.14
C ALA A 241 -8.78 4.77 -9.40
N ALA A 242 -9.66 5.44 -10.14
CA ALA A 242 -10.79 6.13 -9.51
C ALA A 242 -11.66 5.16 -8.74
N ASP A 243 -11.93 3.98 -9.32
CA ASP A 243 -12.72 2.97 -8.62
C ASP A 243 -12.05 2.53 -7.32
N TYR A 244 -10.73 2.35 -7.34
CA TYR A 244 -10.02 1.91 -6.13
C TYR A 244 -10.03 2.99 -5.06
N PHE A 245 -9.72 4.23 -5.44
CA PHE A 245 -9.77 5.33 -4.47
C PHE A 245 -11.17 5.52 -3.93
N GLY A 246 -12.18 5.37 -4.79
CA GLY A 246 -13.55 5.54 -4.34
C GLY A 246 -13.96 4.49 -3.32
N ASP A 247 -13.64 3.22 -3.61
CA ASP A 247 -13.91 2.14 -2.68
C ASP A 247 -13.19 2.38 -1.35
N ALA A 248 -11.94 2.85 -1.41
CA ALA A 248 -11.18 3.10 -0.20
C ALA A 248 -11.80 4.20 0.65
N PHE A 249 -12.15 5.35 0.03
CA PHE A 249 -12.69 6.43 0.84
C PHE A 249 -14.06 6.06 1.40
N LYS A 250 -14.83 5.25 0.69
CA LYS A 250 -16.11 4.80 1.24
C LYS A 250 -15.92 3.94 2.48
N GLN A 251 -14.82 3.18 2.57
CA GLN A 251 -14.57 2.43 3.80
C GLN A 251 -14.11 3.32 4.95
N CYS A 252 -13.65 4.54 4.65
CA CYS A 252 -13.25 5.50 5.66
C CYS A 252 -14.36 6.45 6.05
N GLN A 253 -15.49 6.42 5.34
CA GLN A 253 -16.50 7.46 5.47
C GLN A 253 -16.96 7.62 6.92
N TYR A 254 -17.16 6.52 7.62
CA TYR A 254 -17.74 6.55 8.95
C TYR A 254 -16.74 6.10 10.02
N LYS A 255 -15.46 6.04 9.69
CA LYS A 255 -14.41 5.58 10.60
C LYS A 255 -13.42 6.71 10.82
N ASP A 256 -12.90 6.81 12.03
CA ASP A 256 -11.86 7.79 12.34
C ASP A 256 -10.63 7.10 12.90
N THR A 257 -10.28 5.97 12.32
CA THR A 257 -9.15 5.21 12.87
C THR A 257 -7.84 5.61 12.19
N LEU A 258 -7.88 5.87 10.87
CA LEU A 258 -6.69 6.30 10.16
C LEU A 258 -6.41 7.78 10.42
N PRO A 259 -5.18 8.23 10.17
CA PRO A 259 -4.87 9.64 10.37
C PRO A 259 -5.78 10.56 9.57
N LYS A 260 -5.93 11.80 10.08
CA LYS A 260 -6.94 12.72 9.60
C LYS A 260 -6.85 12.97 8.10
N GLU A 261 -5.64 13.02 7.57
CA GLU A 261 -5.44 13.41 6.18
C GLU A 261 -5.78 12.30 5.19
N VAL A 262 -5.99 11.07 5.65
CA VAL A 262 -6.23 9.97 4.71
C VAL A 262 -7.55 10.17 3.97
N PHE A 263 -8.61 10.47 4.71
CA PHE A 263 -9.93 10.58 4.07
C PHE A 263 -9.98 11.68 3.01
N PRO A 264 -9.58 12.93 3.29
CA PRO A 264 -9.62 13.94 2.21
C PRO A 264 -8.71 13.60 1.03
N VAL A 265 -7.57 12.97 1.28
CA VAL A 265 -6.69 12.64 0.17
C VAL A 265 -7.33 11.59 -0.73
N LEU A 266 -7.96 10.58 -0.13
CA LEU A 266 -8.65 9.56 -0.94
C LEU A 266 -9.79 10.18 -1.75
N ALA A 267 -10.60 11.02 -1.12
CA ALA A 267 -11.69 11.69 -1.83
C ALA A 267 -11.16 12.53 -2.99
N ALA A 268 -10.09 13.30 -2.74
CA ALA A 268 -9.51 14.11 -3.79
C ALA A 268 -8.99 13.25 -4.94
N LYS A 269 -8.26 12.17 -4.61
CA LYS A 269 -7.68 11.31 -5.64
C LYS A 269 -8.76 10.59 -6.45
N HIS A 270 -9.87 10.22 -5.80
CA HIS A 270 -11.01 9.67 -6.54
C HIS A 270 -11.48 10.65 -7.62
N CYS A 271 -11.65 11.92 -7.26
CA CYS A 271 -12.11 12.90 -8.24
C CYS A 271 -11.02 13.27 -9.24
N ILE A 272 -9.75 13.35 -8.80
CA ILE A 272 -8.68 13.66 -9.73
C ILE A 272 -8.54 12.56 -10.76
N MET A 273 -8.70 11.32 -10.34
CA MET A 273 -8.58 10.25 -11.27
C MET A 273 -9.75 10.24 -12.25
N GLN A 274 -10.96 10.48 -11.78
CA GLN A 274 -12.09 10.57 -12.71
C GLN A 274 -11.85 11.68 -13.74
N ALA A 275 -11.33 12.82 -13.29
CA ALA A 275 -11.01 13.92 -14.20
C ALA A 275 -9.93 13.55 -15.20
N ASN A 276 -8.90 12.80 -14.76
CA ASN A 276 -7.89 12.32 -15.69
C ASN A 276 -8.49 11.39 -16.72
N ALA A 277 -9.40 10.52 -16.31
CA ALA A 277 -10.06 9.63 -17.26
C ALA A 277 -10.84 10.44 -18.30
N GLU A 278 -11.62 11.42 -17.85
CA GLU A 278 -12.40 12.23 -18.79
C GLU A 278 -11.50 13.06 -19.70
N TYR A 279 -10.40 13.58 -19.15
CA TYR A 279 -9.49 14.39 -19.95
C TYR A 279 -8.86 13.58 -21.07
N HIS A 280 -8.36 12.38 -20.75
CA HIS A 280 -7.74 11.57 -21.79
C HIS A 280 -8.77 10.98 -22.73
N GLN A 281 -9.97 10.67 -22.23
CA GLN A 281 -11.02 10.25 -23.14
C GLN A 281 -11.42 11.38 -24.09
N SER A 282 -11.37 12.63 -23.61
CA SER A 282 -11.72 13.76 -24.46
C SER A 282 -10.71 13.95 -25.60
N ILE A 283 -9.43 13.67 -25.35
CA ILE A 283 -8.43 13.71 -26.41
C ILE A 283 -8.75 12.69 -27.48
N LEU A 284 -9.12 11.48 -27.09
CA LEU A 284 -9.56 10.47 -28.04
C LEU A 284 -10.77 10.96 -28.83
N ALA A 285 -11.75 11.54 -28.14
CA ALA A 285 -12.92 12.07 -28.84
C ALA A 285 -12.52 13.10 -29.88
N LYS A 286 -11.60 14.01 -29.52
CA LYS A 286 -11.17 15.03 -30.48
C LYS A 286 -10.50 14.40 -31.69
N GLN A 287 -9.63 13.42 -31.44
CA GLN A 287 -8.94 12.73 -32.54
C GLN A 287 -9.93 12.08 -33.48
N GLN A 288 -11.07 11.64 -32.97
CA GLN A 288 -12.11 11.05 -33.79
C GLN A 288 -13.08 12.08 -34.35
N LYS A 289 -12.81 13.38 -34.12
CA LYS A 289 -13.64 14.48 -34.62
C LYS A 289 -15.01 14.52 -33.95
N LYS A 290 -15.08 13.99 -32.72
CA LYS A 290 -16.32 13.99 -31.93
C LYS A 290 -16.25 15.20 -31.00
N PHE A 291 -16.46 16.37 -31.59
CA PHE A 291 -16.15 17.61 -30.90
C PHE A 291 -17.17 17.92 -29.81
N GLY A 292 -18.44 17.58 -30.02
CA GLY A 292 -19.42 17.72 -28.95
C GLY A 292 -19.04 16.87 -27.76
N GLU A 293 -18.69 15.61 -28.01
CA GLU A 293 -18.30 14.73 -26.91
C GLU A 293 -17.05 15.23 -26.21
N GLU A 294 -16.08 15.75 -26.97
CA GLU A 294 -14.87 16.29 -26.34
C GLU A 294 -15.22 17.38 -25.34
N ILE A 295 -16.13 18.28 -25.70
CA ILE A 295 -16.54 19.39 -24.83
C ILE A 295 -17.24 18.84 -23.59
N ALA A 296 -18.14 17.88 -23.77
CA ALA A 296 -18.87 17.32 -22.63
C ALA A 296 -17.91 16.68 -21.63
N ARG A 297 -16.89 16.00 -22.12
CA ARG A 297 -15.97 15.32 -21.20
C ARG A 297 -15.03 16.32 -20.53
N LEU A 298 -14.59 17.35 -21.26
CA LEU A 298 -13.79 18.40 -20.64
C LEU A 298 -14.59 19.17 -19.61
N GLN A 299 -15.89 19.38 -19.86
CA GLN A 299 -16.71 20.08 -18.88
C GLN A 299 -16.83 19.26 -17.60
N HIS A 300 -16.92 17.94 -17.75
CA HIS A 300 -17.00 17.07 -16.58
C HIS A 300 -15.68 17.08 -15.81
N ALA A 301 -14.55 17.01 -16.53
CA ALA A 301 -13.24 17.09 -15.88
C ALA A 301 -13.06 18.42 -15.17
N ALA A 302 -13.48 19.53 -15.80
CA ALA A 302 -13.37 20.83 -15.17
C ALA A 302 -14.21 20.91 -13.91
N GLU A 303 -15.41 20.33 -13.95
CA GLU A 303 -16.28 20.33 -12.78
C GLU A 303 -15.66 19.55 -11.63
N LEU A 304 -15.13 18.36 -11.94
CA LEU A 304 -14.46 17.54 -10.93
C LEU A 304 -13.26 18.24 -10.31
N ILE A 305 -12.45 18.90 -11.15
CA ILE A 305 -11.25 19.56 -10.66
C ILE A 305 -11.59 20.83 -9.88
N LYS A 306 -12.65 21.54 -10.30
CA LYS A 306 -13.10 22.68 -9.50
C LYS A 306 -13.55 22.25 -8.11
N THR A 307 -14.24 21.10 -8.01
CA THR A 307 -14.70 20.64 -6.71
C THR A 307 -13.53 20.26 -5.81
N VAL A 308 -12.48 19.68 -6.40
CA VAL A 308 -11.29 19.31 -5.63
C VAL A 308 -10.54 20.56 -5.20
N ALA A 309 -10.46 21.57 -6.08
CA ALA A 309 -9.75 22.80 -5.77
C ALA A 309 -10.40 23.55 -4.62
N SER A 310 -11.73 23.52 -4.52
CA SER A 310 -12.39 24.24 -3.44
C SER A 310 -12.50 23.43 -2.14
N ARG A 311 -12.59 22.10 -2.22
CA ARG A 311 -12.81 21.29 -1.02
C ARG A 311 -11.53 20.78 -0.38
N TYR A 312 -10.57 20.36 -1.18
CA TYR A 312 -9.38 19.66 -0.70
C TYR A 312 -8.13 20.45 -1.01
N ASP A 313 -8.25 21.77 -0.91
CA ASP A 313 -7.21 22.68 -1.38
C ASP A 313 -5.91 22.50 -0.60
N GLU A 314 -6.01 22.20 0.69
CA GLU A 314 -4.81 22.06 1.50
C GLU A 314 -4.16 20.69 1.36
N TYR A 315 -4.73 19.78 0.58
CA TYR A 315 -4.18 18.42 0.45
C TYR A 315 -3.65 18.11 -0.95
N VAL A 316 -4.13 18.79 -1.99
CA VAL A 316 -3.66 18.58 -3.36
C VAL A 316 -3.53 19.92 -4.07
N ASN A 317 -2.70 19.94 -5.11
CA ASN A 317 -2.45 21.10 -5.93
C ASN A 317 -2.83 20.75 -7.37
N VAL A 318 -3.97 21.27 -7.82
CA VAL A 318 -4.50 20.91 -9.13
C VAL A 318 -4.46 22.10 -10.10
N LYS A 319 -3.69 23.15 -9.79
CA LYS A 319 -3.77 24.38 -10.59
C LYS A 319 -3.33 24.13 -12.03
N ASP A 320 -2.23 23.43 -12.22
CA ASP A 320 -1.71 23.19 -13.57
C ASP A 320 -2.68 22.34 -14.39
N PHE A 321 -3.22 21.28 -13.79
CA PHE A 321 -4.22 20.46 -14.45
C PHE A 321 -5.47 21.28 -14.76
N SER A 322 -5.88 22.15 -13.84
CA SER A 322 -7.07 22.97 -14.05
C SER A 322 -6.90 23.89 -15.26
N ASP A 323 -5.72 24.52 -15.37
CA ASP A 323 -5.44 25.40 -16.51
C ASP A 323 -5.40 24.63 -17.82
N LYS A 324 -4.83 23.43 -17.80
CA LYS A 324 -4.78 22.60 -19.01
C LYS A 324 -6.19 22.28 -19.49
N ILE A 325 -7.06 21.89 -18.57
CA ILE A 325 -8.45 21.54 -18.92
C ILE A 325 -9.15 22.76 -19.48
N ASN A 326 -9.04 23.89 -18.81
CA ASN A 326 -9.81 25.07 -19.21
C ASN A 326 -9.24 25.71 -20.47
N ARG A 327 -7.93 25.59 -20.70
CA ARG A 327 -7.41 26.01 -22.01
C ARG A 327 -7.97 25.15 -23.13
N ALA A 328 -8.04 23.82 -22.91
CA ALA A 328 -8.58 22.94 -23.94
C ALA A 328 -10.06 23.17 -24.15
N LEU A 329 -10.80 23.38 -23.06
CA LEU A 329 -12.24 23.54 -23.14
C LEU A 329 -12.61 24.86 -23.81
N ALA A 330 -11.87 25.93 -23.52
CA ALA A 330 -12.10 27.21 -24.19
C ALA A 330 -11.86 27.10 -25.70
N ALA A 331 -10.76 26.47 -26.10
CA ALA A 331 -10.50 26.34 -27.53
C ALA A 331 -11.54 25.46 -28.21
N ALA A 332 -11.92 24.36 -27.56
CA ALA A 332 -12.94 23.48 -28.10
C ALA A 332 -14.25 24.21 -28.32
N LYS A 333 -14.73 24.92 -27.30
CA LYS A 333 -16.00 25.64 -27.42
C LYS A 333 -15.94 26.71 -28.50
N LYS A 334 -14.84 27.46 -28.54
CA LYS A 334 -14.70 28.52 -29.55
C LYS A 334 -14.86 27.95 -30.96
N ASP A 335 -14.14 26.87 -31.25
CA ASP A 335 -14.23 26.29 -32.60
C ASP A 335 -15.56 25.59 -32.83
N ASN A 336 -16.17 24.99 -31.79
CA ASN A 336 -17.42 24.30 -32.03
C ASN A 336 -18.55 25.28 -32.30
N ASP A 337 -18.59 26.40 -31.58
CA ASP A 337 -19.64 27.40 -31.81
C ASP A 337 -19.49 28.08 -33.15
N PHE A 338 -18.26 28.22 -33.64
CA PHE A 338 -18.06 28.98 -34.86
C PHE A 338 -17.97 28.11 -36.11
N ILE A 339 -17.54 26.85 -35.98
CA ILE A 339 -17.25 26.04 -37.16
C ILE A 339 -18.15 24.81 -37.21
N TYR A 340 -18.00 23.91 -36.22
CA TYR A 340 -18.53 22.57 -36.39
C TYR A 340 -19.99 22.48 -35.98
N HIS A 341 -20.40 23.20 -34.93
CA HIS A 341 -21.77 23.18 -34.43
C HIS A 341 -22.22 21.77 -34.03
N ASP A 342 -21.30 20.99 -33.47
CA ASP A 342 -21.67 19.73 -32.84
C ASP A 342 -22.57 19.99 -31.64
N ARG A 343 -23.60 19.16 -31.49
CA ARG A 343 -24.35 19.19 -30.23
C ARG A 343 -23.49 18.62 -29.11
N VAL A 344 -23.50 19.28 -27.97
CA VAL A 344 -22.78 18.82 -26.78
C VAL A 344 -23.69 17.87 -26.03
N PRO A 345 -23.38 16.58 -25.96
CA PRO A 345 -24.29 15.64 -25.29
C PRO A 345 -24.26 15.80 -23.78
N ASP A 346 -25.39 15.44 -23.16
CA ASP A 346 -25.43 15.28 -21.71
C ASP A 346 -24.52 14.12 -21.29
N LEU A 347 -23.95 14.24 -20.10
CA LEU A 347 -23.03 13.21 -19.61
C LEU A 347 -23.66 11.84 -19.59
N LYS A 348 -24.95 11.75 -19.26
CA LYS A 348 -25.58 10.44 -19.15
C LYS A 348 -25.81 9.79 -20.51
N ASP A 349 -25.66 10.53 -21.60
CA ASP A 349 -25.76 9.98 -22.94
C ASP A 349 -24.40 9.55 -23.50
N LEU A 350 -23.32 9.75 -22.76
CA LEU A 350 -21.99 9.30 -23.18
C LEU A 350 -21.77 7.86 -22.73
N ASP A 351 -21.02 7.12 -23.52
CA ASP A 351 -20.72 5.76 -23.14
C ASP A 351 -19.70 5.75 -22.00
N PRO A 352 -19.77 4.77 -21.11
CA PRO A 352 -18.84 4.75 -19.99
C PRO A 352 -17.41 4.50 -20.45
N ILE A 353 -16.46 5.12 -19.76
CA ILE A 353 -15.06 4.79 -19.98
C ILE A 353 -14.79 3.41 -19.38
N GLY A 354 -14.04 2.60 -20.10
CA GLY A 354 -13.68 1.28 -19.60
C GLY A 354 -12.72 1.37 -18.43
N LYS A 355 -12.29 0.18 -17.98
CA LYS A 355 -11.40 0.07 -16.83
C LYS A 355 -10.33 -0.98 -17.13
N ALA A 356 -9.08 -0.66 -16.81
CA ALA A 356 -7.98 -1.60 -16.95
C ALA A 356 -7.18 -1.66 -15.66
N THR A 357 -7.14 -2.82 -15.01
CA THR A 357 -6.42 -3.00 -13.77
C THR A 357 -5.08 -3.67 -14.06
N LEU A 358 -3.99 -3.01 -13.67
CA LEU A 358 -2.63 -3.52 -13.85
C LEU A 358 -2.01 -4.03 -12.56
N VAL A 359 -2.76 -4.04 -11.46
CA VAL A 359 -2.17 -4.30 -10.14
C VAL A 359 -2.88 -5.45 -9.47
N LYS A 360 -2.15 -6.11 -8.57
CA LYS A 360 -2.66 -7.23 -7.79
C LYS A 360 -2.04 -7.15 -6.40
N SER A 361 -2.80 -7.50 -5.37
CA SER A 361 -2.24 -7.61 -4.03
C SER A 361 -1.28 -8.81 -4.01
N THR A 362 -0.01 -8.55 -3.74
CA THR A 362 1.00 -9.61 -3.82
C THR A 362 0.84 -10.58 -2.66
N PRO A 363 0.63 -11.87 -2.91
CA PRO A 363 0.51 -12.82 -1.80
C PRO A 363 1.83 -12.95 -1.06
N VAL A 364 1.75 -13.19 0.24
CA VAL A 364 2.96 -13.41 1.02
C VAL A 364 3.26 -14.91 1.02
N ASN A 365 4.41 -15.26 0.46
CA ASN A 365 4.84 -16.66 0.36
C ASN A 365 6.26 -16.70 0.91
N VAL A 366 6.38 -17.11 2.17
CA VAL A 366 7.67 -17.31 2.81
C VAL A 366 8.49 -18.30 1.99
N PRO A 367 9.72 -17.92 1.60
CA PRO A 367 10.40 -16.68 2.00
C PRO A 367 10.04 -15.44 1.18
N ILE A 368 9.74 -14.32 1.87
CA ILE A 368 9.54 -13.05 1.18
C ILE A 368 10.81 -12.22 1.14
N SER A 369 11.84 -12.59 1.89
CA SER A 369 13.13 -11.91 1.83
C SER A 369 14.06 -12.60 0.84
N GLN A 370 15.04 -11.84 0.35
CA GLN A 370 15.99 -12.36 -0.62
C GLN A 370 17.09 -13.16 0.07
N LYS A 371 17.52 -14.23 -0.60
CA LYS A 371 18.63 -15.07 -0.13
C LYS A 371 18.40 -15.51 1.31
N PHE A 372 17.18 -15.97 1.58
CA PHE A 372 16.83 -16.35 2.94
C PHE A 372 17.48 -17.68 3.31
N THR A 373 17.96 -17.76 4.55
CA THR A 373 18.52 -18.99 5.10
C THR A 373 17.99 -19.15 6.52
N ASP A 374 17.20 -20.19 6.76
CA ASP A 374 16.68 -20.44 8.10
C ASP A 374 17.81 -20.74 9.06
N LEU A 375 17.84 -20.04 10.19
CA LEU A 375 18.86 -20.26 11.20
C LEU A 375 18.68 -21.58 11.94
N PHE A 376 17.50 -22.19 11.85
CA PHE A 376 17.21 -23.46 12.49
C PHE A 376 16.82 -24.52 11.46
N GLU A 377 17.48 -24.47 10.30
CA GLU A 377 17.10 -25.36 9.20
C GLU A 377 17.47 -26.80 9.48
N LYS A 378 18.60 -27.03 10.14
CA LYS A 378 19.01 -28.38 10.53
C LYS A 378 18.40 -28.76 11.88
N MET A 379 17.07 -28.76 11.91
CA MET A 379 16.36 -29.02 13.15
C MET A 379 14.97 -29.60 12.88
N GLU B 6 -3.75 -1.49 -28.43
CA GLU B 6 -4.48 -1.35 -27.18
C GLU B 6 -4.26 -2.55 -26.31
N ASP B 7 -4.92 -3.65 -26.65
CA ASP B 7 -4.77 -4.88 -25.90
C ASP B 7 -3.30 -5.24 -25.80
N ASP B 8 -2.55 -5.11 -26.88
CA ASP B 8 -1.16 -5.45 -26.66
C ASP B 8 -0.41 -4.37 -25.88
N ASP B 9 -0.84 -3.11 -25.99
CA ASP B 9 -0.25 -2.06 -25.17
C ASP B 9 -0.44 -2.35 -23.69
N ILE B 10 -1.57 -2.94 -23.31
CA ILE B 10 -1.79 -3.34 -21.93
C ILE B 10 -0.89 -4.50 -21.56
N LYS B 11 -0.65 -5.42 -22.51
CA LYS B 11 0.20 -6.57 -22.21
C LYS B 11 1.65 -6.16 -21.98
N GLN B 12 2.13 -5.17 -22.74
CA GLN B 12 3.51 -4.71 -22.56
C GLN B 12 3.66 -3.95 -21.24
N LEU B 13 2.64 -3.19 -20.87
CA LEU B 13 2.66 -2.51 -19.57
C LEU B 13 2.59 -3.51 -18.43
N ALA B 14 1.89 -4.63 -18.61
CA ALA B 14 1.81 -5.63 -17.56
C ALA B 14 3.13 -6.34 -17.34
N ALA B 15 3.90 -6.57 -18.41
CA ALA B 15 5.18 -7.26 -18.35
C ALA B 15 6.32 -6.37 -17.87
N TRP B 16 6.01 -5.22 -17.28
CA TRP B 16 7.00 -4.23 -16.90
C TRP B 16 7.63 -4.51 -15.54
N THR B 17 6.84 -4.90 -14.54
CA THR B 17 7.36 -5.15 -13.19
C THR B 17 8.17 -6.44 -13.20
N THR B 18 9.40 -6.34 -13.71
CA THR B 18 10.31 -7.47 -13.78
C THR B 18 11.67 -7.10 -13.20
#